data_6YA0
#
_entry.id   6YA0
#
_cell.length_a   68.820
_cell.length_b   74.850
_cell.length_c   81.280
_cell.angle_alpha   90.000
_cell.angle_beta   103.270
_cell.angle_gamma   90.000
#
_symmetry.space_group_name_H-M   'P 1 21 1'
#
loop_
_entity.id
_entity.type
_entity.pdbx_description
1 polymer Glycoprotein
2 branched beta-D-mannopyranose-(1-4)-2-acetamido-2-deoxy-beta-D-glucopyranose
3 non-polymer 2-acetamido-2-deoxy-beta-D-glucopyranose
4 non-polymer 'ACETATE ION'
5 non-polymer 'AMMONIUM ION'
6 water water
#
_entity_poly.entity_id   1
_entity_poly.type   'polypeptide(L)'
_entity_poly.pdbx_seq_one_letter_code
;KVEIIRGDHPEVYDDSAENEVPTAASIQRKAILETLTNLMLESQTPGTRQIREEESTIPIFAESTTQKTISVSDLPNNCL
NASSLKCEIKGISTYNVYYQVENNGVIYSCVSDSAEGLEKCDNSLNLPKRFSKVPVIPITKLDNKRHFSVGTKFFISESL
TQDNYPITYNSYPTNGTVSLQTVKLSGDCKITKSNFANPYTVSITSPEKIMGYLIKKPGENVEHKVISFSGSASITFTEE
MLDGEHNLLCGDKSAKIPKTNKRVRDCIIKYSKSIYKQTACINFSWIR
;
_entity_poly.pdbx_strand_id   A,B,C
#
# COMPACT_ATOMS: atom_id res chain seq x y z
N VAL A 72 14.16 -10.77 38.38
CA VAL A 72 14.95 -9.76 37.69
C VAL A 72 14.96 -10.05 36.18
N SER A 73 15.16 -11.33 35.83
CA SER A 73 15.16 -11.70 34.41
C SER A 73 13.79 -11.43 33.77
N ASP A 74 12.72 -11.71 34.50
CA ASP A 74 11.37 -11.35 34.07
C ASP A 74 11.10 -9.93 34.57
N LEU A 75 11.10 -8.97 33.64
CA LEU A 75 11.01 -7.57 34.01
C LEU A 75 9.59 -7.17 34.41
N PRO A 76 8.54 -7.67 33.75
CA PRO A 76 7.20 -7.16 34.06
C PRO A 76 6.80 -7.37 35.51
N ASN A 77 7.41 -8.33 36.21
CA ASN A 77 7.01 -8.61 37.59
C ASN A 77 7.32 -7.43 38.50
N ASN A 78 8.53 -6.88 38.40
CA ASN A 78 8.84 -5.68 39.17
C ASN A 78 8.03 -4.49 38.67
N CYS A 79 7.71 -4.48 37.38
CA CYS A 79 6.86 -3.43 36.83
C CYS A 79 5.49 -3.43 37.50
N LEU A 80 4.87 -4.61 37.64
CA LEU A 80 3.55 -4.71 38.24
C LEU A 80 3.57 -4.55 39.75
N ASN A 81 4.71 -4.83 40.39
CA ASN A 81 4.86 -4.69 41.83
C ASN A 81 5.27 -3.28 42.26
N ALA A 82 4.92 -2.26 41.47
CA ALA A 82 5.33 -0.89 41.80
C ALA A 82 4.72 -0.40 43.11
N SER A 83 3.54 -0.90 43.45
CA SER A 83 2.87 -0.42 44.65
C SER A 83 3.73 -0.66 45.90
N SER A 84 4.50 -1.74 45.90
CA SER A 84 5.36 -2.03 47.04
C SER A 84 6.75 -1.39 46.89
N LEU A 85 7.22 -1.18 45.66
CA LEU A 85 8.55 -0.63 45.42
C LEU A 85 8.52 0.90 45.42
N LYS A 86 9.71 1.49 45.22
CA LYS A 86 9.87 2.94 45.11
C LYS A 86 9.69 3.34 43.65
N CYS A 87 8.54 3.91 43.31
CA CYS A 87 8.26 4.28 41.94
C CYS A 87 8.15 5.79 41.78
N GLU A 88 8.68 6.27 40.66
CA GLU A 88 8.60 7.67 40.27
C GLU A 88 7.87 7.72 38.93
N ILE A 89 6.82 8.53 38.86
CA ILE A 89 6.15 8.77 37.60
C ILE A 89 7.00 9.77 36.81
N LYS A 90 7.38 9.38 35.59
CA LYS A 90 8.20 10.24 34.75
C LYS A 90 7.39 10.99 33.70
N GLY A 91 6.13 10.59 33.47
CA GLY A 91 5.31 11.23 32.47
C GLY A 91 3.92 10.63 32.43
N ILE A 92 2.92 11.44 32.10
CA ILE A 92 1.54 11.00 32.03
C ILE A 92 0.93 11.55 30.75
N SER A 93 0.41 10.66 29.92
CA SER A 93 -0.17 11.07 28.67
C SER A 93 -1.69 11.00 28.77
N THR A 94 -2.35 11.00 27.62
CA THR A 94 -3.80 10.91 27.63
C THR A 94 -4.30 9.48 27.80
N TYR A 95 -3.46 8.49 27.53
CA TYR A 95 -3.91 7.09 27.52
C TYR A 95 -2.95 6.11 28.18
N ASN A 96 -1.74 6.52 28.55
CA ASN A 96 -0.87 5.65 29.32
C ASN A 96 -0.01 6.50 30.24
N VAL A 97 0.66 5.83 31.16
CA VAL A 97 1.51 6.48 32.16
C VAL A 97 2.89 5.84 32.10
N TYR A 98 3.93 6.66 32.26
CA TYR A 98 5.33 6.27 32.14
C TYR A 98 5.95 6.39 33.53
N TYR A 99 6.36 5.26 34.09
CA TYR A 99 6.86 5.25 35.45
C TYR A 99 8.05 4.31 35.55
N GLN A 100 8.94 4.60 36.49
CA GLN A 100 10.11 3.77 36.75
C GLN A 100 10.10 3.34 38.20
N VAL A 101 10.49 2.08 38.45
CA VAL A 101 10.52 1.52 39.80
C VAL A 101 11.93 1.03 40.10
N GLU A 102 12.25 0.97 41.39
CA GLU A 102 13.56 0.52 41.87
C GLU A 102 13.32 -0.58 42.92
N ASN A 103 13.42 -1.84 42.50
CA ASN A 103 13.14 -2.95 43.40
C ASN A 103 14.27 -3.17 44.38
N ASN A 104 15.50 -3.26 43.89
CA ASN A 104 16.64 -3.56 44.75
C ASN A 104 17.87 -2.94 44.09
N GLY A 105 17.97 -1.62 44.18
CA GLY A 105 19.11 -0.92 43.62
C GLY A 105 19.16 -1.03 42.11
N VAL A 106 18.07 -1.48 41.50
CA VAL A 106 17.96 -1.64 40.06
C VAL A 106 16.70 -0.93 39.62
N ILE A 107 16.83 -0.01 38.66
CA ILE A 107 15.72 0.82 38.22
C ILE A 107 15.08 0.19 36.99
N TYR A 108 13.76 -0.03 37.04
CA TYR A 108 13.00 -0.57 35.92
C TYR A 108 12.14 0.53 35.32
N SER A 109 12.33 0.81 34.04
CA SER A 109 11.48 1.74 33.32
C SER A 109 10.24 1.02 32.80
N CYS A 110 9.11 1.72 32.80
CA CYS A 110 7.81 1.06 32.65
C CYS A 110 6.78 2.00 32.04
N VAL A 111 5.97 1.46 31.13
CA VAL A 111 4.80 2.13 30.57
C VAL A 111 3.60 1.22 30.75
N SER A 112 2.48 1.80 31.19
CA SER A 112 1.27 1.04 31.48
C SER A 112 0.04 1.88 31.22
N ASP A 113 -1.09 1.20 31.10
CA ASP A 113 -2.39 1.85 30.90
C ASP A 113 -3.29 1.73 32.13
N SER A 114 -2.81 1.13 33.23
CA SER A 114 -3.54 1.05 34.49
C SER A 114 -2.88 1.98 35.51
N ALA A 115 -3.61 3.00 35.93
CA ALA A 115 -3.14 3.87 37.00
C ALA A 115 -3.21 3.23 38.38
N GLU A 116 -3.42 1.92 38.48
CA GLU A 116 -3.62 1.28 39.77
C GLU A 116 -2.28 0.82 40.32
N GLY A 117 -2.02 1.18 41.58
CA GLY A 117 -0.74 0.89 42.20
C GLY A 117 0.28 1.99 42.09
N LEU A 118 -0.01 3.06 41.34
CA LEU A 118 0.92 4.17 41.17
C LEU A 118 0.55 5.38 42.02
N GLU A 119 -0.49 5.30 42.85
CA GLU A 119 -0.93 6.49 43.59
C GLU A 119 0.13 6.94 44.60
N LYS A 120 0.89 6.01 45.17
CA LYS A 120 1.98 6.32 46.09
C LYS A 120 3.30 6.60 45.38
N CYS A 121 3.31 6.67 44.04
CA CYS A 121 4.48 7.07 43.26
C CYS A 121 4.68 8.57 43.32
N ASP A 122 5.91 9.00 43.04
CA ASP A 122 6.18 10.42 42.94
C ASP A 122 5.52 11.00 41.70
N ASN A 123 5.05 12.25 41.82
CA ASN A 123 4.43 12.92 40.70
C ASN A 123 3.13 12.23 40.30
N SER A 124 2.42 11.70 41.28
CA SER A 124 1.16 11.02 41.03
C SER A 124 -0.04 11.94 41.12
N LEU A 125 0.20 13.25 41.27
CA LEU A 125 -0.90 14.16 41.55
C LEU A 125 -1.90 14.21 40.39
N ASN A 126 -1.40 14.28 39.16
CA ASN A 126 -2.24 14.32 37.96
C ASN A 126 -2.47 12.95 37.35
N LEU A 127 -2.29 11.88 38.11
CA LEU A 127 -2.63 10.56 37.60
C LEU A 127 -4.12 10.50 37.28
N PRO A 128 -4.51 10.06 36.07
CA PRO A 128 -5.93 9.84 35.82
C PRO A 128 -6.48 8.78 36.74
N LYS A 129 -7.76 8.93 37.05
CA LYS A 129 -8.48 7.89 37.76
C LYS A 129 -8.36 6.56 37.04
N ARG A 130 -8.54 6.58 35.71
CA ARG A 130 -8.47 5.41 34.85
C ARG A 130 -8.10 5.86 33.45
N PHE A 131 -7.57 4.94 32.65
CA PHE A 131 -7.17 5.27 31.28
C PHE A 131 -8.14 4.68 30.26
N SER A 132 -8.28 5.39 29.13
CA SER A 132 -9.16 4.94 28.05
C SER A 132 -8.43 3.89 27.23
N LYS A 133 -9.17 2.85 26.82
CA LYS A 133 -8.60 1.74 26.05
C LYS A 133 -8.91 1.80 24.57
N VAL A 134 -9.37 2.94 24.06
CA VAL A 134 -9.82 2.95 22.66
C VAL A 134 -8.61 2.78 21.75
N PRO A 135 -8.69 1.98 20.68
CA PRO A 135 -7.53 1.84 19.81
C PRO A 135 -7.15 3.20 19.24
N VAL A 136 -5.85 3.45 19.17
CA VAL A 136 -5.33 4.75 18.78
C VAL A 136 -3.90 4.57 18.33
N ILE A 137 -3.50 5.33 17.32
CA ILE A 137 -2.17 5.22 16.72
C ILE A 137 -1.59 6.61 16.48
N PRO A 138 -0.28 6.68 16.31
CA PRO A 138 0.40 7.97 16.12
C PRO A 138 0.01 8.69 14.85
N ILE A 139 -0.06 10.01 14.95
CA ILE A 139 -0.36 10.85 13.81
C ILE A 139 0.90 11.00 12.96
N THR A 140 0.83 10.53 11.72
CA THR A 140 1.96 10.57 10.78
C THR A 140 1.98 11.84 9.95
N LYS A 141 0.84 12.25 9.40
CA LYS A 141 0.77 13.48 8.60
C LYS A 141 0.50 14.64 9.54
N LEU A 142 1.53 15.42 9.84
CA LEU A 142 1.38 16.47 10.84
C LEU A 142 0.32 17.49 10.45
N ASP A 143 -0.07 17.54 9.17
CA ASP A 143 -1.12 18.46 8.74
C ASP A 143 -2.49 18.01 9.23
N ASN A 144 -2.70 16.72 9.41
CA ASN A 144 -3.95 16.19 9.92
C ASN A 144 -4.02 16.21 11.43
N LYS A 145 -2.98 16.71 12.10
CA LYS A 145 -2.95 16.71 13.55
C LYS A 145 -4.11 17.53 14.12
N ARG A 146 -4.29 18.75 13.62
CA ARG A 146 -5.33 19.62 14.15
C ARG A 146 -6.72 18.99 14.01
N HIS A 147 -6.91 18.09 13.05
CA HIS A 147 -8.21 17.52 12.73
C HIS A 147 -8.48 16.24 13.51
N PHE A 148 -7.53 15.30 13.51
CA PHE A 148 -7.70 13.95 14.05
C PHE A 148 -7.15 13.77 15.46
N SER A 149 -6.51 14.79 16.03
CA SER A 149 -5.93 14.68 17.36
C SER A 149 -6.95 14.17 18.37
N VAL A 150 -6.55 13.16 19.14
CA VAL A 150 -7.35 12.68 20.26
C VAL A 150 -6.57 12.64 21.56
N GLY A 151 -5.35 13.18 21.57
CA GLY A 151 -4.53 13.30 22.76
C GLY A 151 -3.10 12.90 22.47
N THR A 152 -2.40 12.52 23.53
CA THR A 152 -1.03 12.02 23.44
C THR A 152 -0.93 10.63 24.08
N LYS A 153 -0.05 9.81 23.51
CA LYS A 153 0.20 8.48 24.04
C LYS A 153 1.67 8.13 23.95
N PHE A 154 2.16 7.45 24.99
CA PHE A 154 3.55 6.99 25.03
C PHE A 154 3.71 5.73 24.19
N PHE A 155 4.80 5.69 23.45
CA PHE A 155 5.16 4.55 22.64
C PHE A 155 6.65 4.26 22.84
N ILE A 156 7.06 3.06 22.46
CA ILE A 156 8.45 2.67 22.53
C ILE A 156 9.10 2.90 21.17
N SER A 157 10.29 3.47 21.19
CA SER A 157 11.06 3.76 19.99
C SER A 157 12.50 3.32 20.20
N GLU A 158 13.32 3.49 19.17
CA GLU A 158 14.74 3.18 19.24
C GLU A 158 15.54 4.45 19.59
N SER A 159 16.76 4.26 20.05
CA SER A 159 17.63 5.36 20.47
C SER A 159 18.47 5.83 19.28
N LEU A 160 18.51 7.15 19.07
CA LEU A 160 19.30 7.69 17.97
C LEU A 160 20.80 7.49 18.21
N THR A 161 21.24 7.64 19.46
CA THR A 161 22.62 7.37 19.81
C THR A 161 22.90 5.87 19.97
N GLN A 162 21.93 5.01 19.63
CA GLN A 162 22.10 3.57 19.72
C GLN A 162 22.42 3.14 21.15
N ASP A 163 21.76 3.81 22.11
CA ASP A 163 21.88 3.50 23.53
C ASP A 163 20.48 3.19 24.06
N ASN A 164 19.93 2.06 23.61
CA ASN A 164 18.62 1.63 24.10
C ASN A 164 18.75 1.06 25.51
N TYR A 165 17.64 1.10 26.25
CA TYR A 165 17.56 0.57 27.61
C TYR A 165 16.23 -0.13 27.86
N PRO A 166 16.25 -1.26 28.57
CA PRO A 166 15.04 -2.09 28.72
C PRO A 166 13.87 -1.34 29.33
N ILE A 167 12.68 -1.64 28.81
CA ILE A 167 11.45 -0.97 29.22
C ILE A 167 10.30 -1.93 28.99
N THR A 168 9.42 -2.05 29.99
CA THR A 168 8.24 -2.91 29.87
C THR A 168 7.05 -2.10 29.41
N TYR A 169 6.46 -2.48 28.27
CA TYR A 169 5.32 -1.77 27.72
C TYR A 169 4.09 -2.67 27.78
N ASN A 170 3.13 -2.28 28.61
CA ASN A 170 1.90 -3.05 28.79
C ASN A 170 2.22 -4.52 29.06
N SER A 171 3.17 -4.75 29.98
CA SER A 171 3.57 -6.08 30.45
C SER A 171 4.42 -6.85 29.45
N TYR A 172 4.93 -6.17 28.43
CA TYR A 172 5.78 -6.76 27.40
C TYR A 172 7.14 -6.10 27.45
N PRO A 173 8.22 -6.87 27.59
CA PRO A 173 9.55 -6.27 27.79
C PRO A 173 10.33 -6.14 26.50
N THR A 174 11.09 -5.05 26.41
CA THR A 174 11.87 -4.75 25.22
C THR A 174 12.99 -3.80 25.62
N ASN A 175 13.90 -3.54 24.68
CA ASN A 175 15.09 -2.72 24.94
C ASN A 175 15.00 -1.28 24.40
N GLY A 176 13.91 -0.89 23.71
CA GLY A 176 13.83 0.45 23.16
C GLY A 176 13.65 1.58 24.20
N THR A 177 13.75 2.83 23.72
CA THR A 177 13.51 4.07 24.47
C THR A 177 12.04 4.49 24.38
N VAL A 178 11.68 5.52 25.15
CA VAL A 178 10.29 5.96 25.32
C VAL A 178 10.07 7.29 24.62
N SER A 179 8.96 7.39 23.87
CA SER A 179 8.58 8.60 23.16
C SER A 179 7.10 8.88 23.36
N LEU A 180 6.76 10.16 23.36
CA LEU A 180 5.39 10.64 23.51
C LEU A 180 4.93 11.26 22.20
N GLN A 181 3.79 10.81 21.68
CA GLN A 181 3.36 11.25 20.35
C GLN A 181 1.88 11.58 20.29
N THR A 182 1.58 12.72 19.66
CA THR A 182 0.19 13.07 19.40
C THR A 182 -0.48 11.94 18.62
N VAL A 183 -1.66 11.58 19.05
CA VAL A 183 -2.26 10.31 18.63
C VAL A 183 -3.65 10.56 18.08
N LYS A 184 -4.07 9.68 17.17
CA LYS A 184 -5.34 9.78 16.48
C LYS A 184 -6.10 8.47 16.65
N LEU A 185 -7.43 8.55 16.60
CA LEU A 185 -8.23 7.36 16.74
C LEU A 185 -7.95 6.38 15.59
N SER A 186 -8.07 5.09 15.90
CA SER A 186 -7.85 4.06 14.90
C SER A 186 -8.88 2.94 15.08
N GLY A 187 -8.95 2.06 14.10
CA GLY A 187 -9.85 0.91 14.12
C GLY A 187 -10.88 0.96 13.02
N ASP A 188 -11.70 -0.11 12.98
CA ASP A 188 -12.75 -0.26 11.96
C ASP A 188 -14.07 0.23 12.53
N CYS A 189 -14.60 1.30 11.93
CA CYS A 189 -15.85 1.89 12.38
C CYS A 189 -16.69 2.25 11.16
N LYS A 190 -17.96 1.86 11.18
CA LYS A 190 -18.87 2.06 10.06
C LYS A 190 -19.90 3.11 10.46
N ILE A 191 -19.97 4.20 9.70
CA ILE A 191 -20.89 5.30 9.98
C ILE A 191 -22.03 5.20 8.98
N THR A 192 -23.27 5.15 9.48
CA THR A 192 -24.44 4.99 8.62
C THR A 192 -25.58 5.85 9.13
N LYS A 193 -26.57 6.06 8.25
CA LYS A 193 -27.76 6.81 8.61
C LYS A 193 -28.71 5.94 9.41
N SER A 194 -29.35 6.55 10.42
CA SER A 194 -30.17 5.75 11.34
C SER A 194 -31.46 5.30 10.67
N ASN A 195 -32.07 6.16 9.85
CA ASN A 195 -33.34 5.88 9.19
C ASN A 195 -34.51 5.87 10.16
N PHE A 196 -34.31 6.34 11.39
CA PHE A 196 -35.37 6.36 12.38
C PHE A 196 -35.23 7.59 13.26
N ALA A 197 -36.34 7.95 13.91
CA ALA A 197 -36.37 9.01 14.94
C ALA A 197 -35.93 10.33 14.30
N ASN A 198 -35.08 11.12 14.95
CA ASN A 198 -34.66 12.40 14.43
C ASN A 198 -33.88 12.22 13.13
N PRO A 199 -33.95 13.20 12.23
CA PRO A 199 -33.10 13.11 11.02
C PRO A 199 -31.63 13.21 11.33
N TYR A 200 -31.25 13.95 12.40
CA TYR A 200 -29.85 14.12 12.79
C TYR A 200 -29.45 13.07 13.82
N THR A 201 -29.54 11.82 13.39
CA THR A 201 -29.11 10.67 14.18
C THR A 201 -28.38 9.71 13.28
N VAL A 202 -27.17 9.33 13.67
CA VAL A 202 -26.36 8.41 12.88
C VAL A 202 -25.99 7.22 13.76
N SER A 203 -25.56 6.15 13.11
CA SER A 203 -25.19 4.91 13.76
C SER A 203 -23.77 4.54 13.36
N ILE A 204 -22.95 4.21 14.37
CA ILE A 204 -21.58 3.75 14.15
C ILE A 204 -21.52 2.27 14.49
N THR A 205 -20.83 1.50 13.62
CA THR A 205 -20.69 0.06 13.77
C THR A 205 -19.21 -0.29 13.78
N SER A 206 -18.81 -1.16 14.71
CA SER A 206 -17.43 -1.60 14.83
C SER A 206 -17.40 -3.08 15.19
N PRO A 207 -16.61 -3.89 14.47
CA PRO A 207 -16.47 -5.30 14.84
C PRO A 207 -15.50 -5.54 15.98
N GLU A 208 -14.68 -4.54 16.34
CA GLU A 208 -13.68 -4.75 17.36
C GLU A 208 -14.32 -4.80 18.75
N LYS A 209 -13.57 -5.35 19.70
CA LYS A 209 -14.06 -5.45 21.07
C LYS A 209 -14.28 -4.07 21.67
N ILE A 210 -13.40 -3.12 21.36
CA ILE A 210 -13.45 -1.77 21.89
C ILE A 210 -13.12 -0.79 20.78
N MET A 211 -13.95 0.25 20.64
CA MET A 211 -13.79 1.25 19.61
C MET A 211 -14.24 2.59 20.16
N GLY A 212 -13.63 3.66 19.67
CA GLY A 212 -13.89 5.01 20.16
C GLY A 212 -14.47 5.89 19.08
N TYR A 213 -15.18 6.93 19.52
CA TYR A 213 -15.74 7.94 18.64
C TYR A 213 -15.81 9.26 19.40
N LEU A 214 -15.75 10.36 18.65
CA LEU A 214 -15.59 11.68 19.25
C LEU A 214 -15.99 12.71 18.22
N ILE A 215 -16.97 13.55 18.55
CA ILE A 215 -17.32 14.68 17.69
C ILE A 215 -16.43 15.85 18.06
N LYS A 216 -15.66 16.35 17.09
CA LYS A 216 -14.59 17.29 17.38
C LYS A 216 -14.59 18.40 16.33
N LYS A 217 -14.33 19.63 16.80
CA LYS A 217 -14.12 20.75 15.89
C LYS A 217 -12.65 20.80 15.49
N PRO A 218 -12.32 20.73 14.17
CA PRO A 218 -10.92 20.79 13.74
C PRO A 218 -10.11 21.80 14.54
N GLY A 219 -9.54 21.35 15.65
CA GLY A 219 -8.85 22.27 16.52
C GLY A 219 -9.25 22.14 17.97
N GLU A 220 -10.51 21.81 18.20
CA GLU A 220 -11.06 21.79 19.56
C GLU A 220 -10.25 20.87 20.47
N ASN A 221 -10.04 21.31 21.72
CA ASN A 221 -9.27 20.56 22.71
C ASN A 221 -10.21 19.60 23.44
N VAL A 222 -10.48 18.48 22.80
CA VAL A 222 -11.44 17.50 23.30
C VAL A 222 -10.71 16.20 23.56
N GLU A 223 -9.49 16.30 24.08
CA GLU A 223 -8.65 15.12 24.25
C GLU A 223 -9.31 14.09 25.15
N HIS A 224 -9.69 14.49 26.36
CA HIS A 224 -10.22 13.55 27.34
C HIS A 224 -11.73 13.36 27.24
N LYS A 225 -12.32 13.58 26.06
CA LYS A 225 -13.76 13.46 25.86
C LYS A 225 -14.05 12.56 24.66
N VAL A 226 -13.48 11.36 24.65
CA VAL A 226 -13.65 10.39 23.57
C VAL A 226 -14.48 9.23 24.09
N ILE A 227 -15.61 8.97 23.45
CA ILE A 227 -16.58 7.98 23.88
C ILE A 227 -16.18 6.62 23.32
N SER A 228 -16.12 5.61 24.19
CA SER A 228 -15.80 4.26 23.77
C SER A 228 -17.08 3.44 23.64
N PHE A 229 -17.19 2.71 22.52
CA PHE A 229 -18.40 1.93 22.25
C PHE A 229 -18.01 0.56 21.74
N SER A 230 -18.54 -0.48 22.38
CA SER A 230 -18.44 -1.83 21.87
C SER A 230 -19.59 -2.09 20.91
N GLY A 231 -19.32 -2.92 19.91
CA GLY A 231 -20.36 -3.32 18.98
C GLY A 231 -20.89 -2.19 18.13
N SER A 232 -22.10 -1.72 18.45
CA SER A 232 -22.72 -0.60 17.74
C SER A 232 -23.27 0.40 18.74
N ALA A 233 -23.30 1.67 18.33
CA ALA A 233 -23.85 2.73 19.16
C ALA A 233 -24.54 3.77 18.28
N SER A 234 -25.36 4.60 18.91
CA SER A 234 -26.10 5.65 18.24
C SER A 234 -25.89 6.97 18.99
N ILE A 235 -25.78 8.06 18.22
CA ILE A 235 -25.53 9.38 18.78
C ILE A 235 -26.47 10.38 18.11
N THR A 236 -27.09 11.24 18.92
CA THR A 236 -27.99 12.27 18.42
C THR A 236 -27.24 13.59 18.40
N PHE A 237 -27.11 14.19 17.22
CA PHE A 237 -26.36 15.43 17.07
C PHE A 237 -27.05 16.56 17.82
N THR A 238 -26.31 17.20 18.72
CA THR A 238 -26.83 18.40 19.37
C THR A 238 -26.81 19.57 18.41
N GLU A 239 -27.70 20.53 18.64
CA GLU A 239 -27.79 21.67 17.74
C GLU A 239 -26.52 22.50 17.76
N GLU A 240 -25.88 22.64 18.93
CA GLU A 240 -24.63 23.38 19.02
C GLU A 240 -23.51 22.73 18.21
N MET A 241 -23.65 21.46 17.88
CA MET A 241 -22.67 20.73 17.09
C MET A 241 -23.01 20.66 15.61
N LEU A 242 -24.10 21.29 15.19
CA LEU A 242 -24.59 21.14 13.82
C LEU A 242 -24.16 22.30 12.91
N ASP A 243 -23.05 22.97 13.23
CA ASP A 243 -22.46 23.91 12.30
C ASP A 243 -21.38 23.21 11.47
N GLY A 244 -20.91 23.91 10.43
CA GLY A 244 -19.97 23.31 9.50
C GLY A 244 -18.59 23.12 10.07
N GLU A 245 -18.42 23.32 11.37
CA GLU A 245 -17.12 23.26 12.02
C GLU A 245 -16.99 22.02 12.90
N HIS A 246 -17.56 20.89 12.48
CA HIS A 246 -17.52 19.70 13.30
C HIS A 246 -17.38 18.45 12.42
N ASN A 247 -16.54 17.52 12.87
CA ASN A 247 -16.35 16.23 12.22
C ASN A 247 -16.75 15.11 13.19
N LEU A 248 -17.19 13.98 12.61
CA LEU A 248 -17.46 12.76 13.36
C LEU A 248 -16.24 11.86 13.26
N LEU A 249 -15.51 11.72 14.36
CA LEU A 249 -14.30 10.92 14.38
C LEU A 249 -14.64 9.57 14.99
N CYS A 250 -14.34 8.49 14.25
CA CYS A 250 -14.66 7.15 14.73
C CYS A 250 -13.72 6.15 14.06
N GLY A 251 -12.74 5.67 14.81
CA GLY A 251 -11.81 4.72 14.25
C GLY A 251 -11.00 5.36 13.15
N ASP A 252 -10.87 4.64 12.03
CA ASP A 252 -10.16 5.10 10.85
C ASP A 252 -10.98 6.04 9.98
N LYS A 253 -12.15 6.46 10.45
CA LYS A 253 -13.09 7.22 9.65
C LYS A 253 -13.31 8.60 10.25
N SER A 254 -13.55 9.56 9.36
CA SER A 254 -13.96 10.91 9.71
C SER A 254 -15.02 11.34 8.72
N ALA A 255 -16.09 11.94 9.21
CA ALA A 255 -17.15 12.42 8.33
C ALA A 255 -17.65 13.78 8.81
N LYS A 256 -17.64 14.76 7.91
CA LYS A 256 -18.13 16.09 8.25
C LYS A 256 -19.64 16.04 8.50
N ILE A 257 -20.06 16.59 9.64
CA ILE A 257 -21.48 16.80 9.91
C ILE A 257 -21.88 18.08 9.19
N PRO A 258 -23.17 18.25 8.85
CA PRO A 258 -23.56 19.39 8.01
C PRO A 258 -23.82 20.67 8.79
N LYS A 259 -23.39 21.79 8.22
CA LYS A 259 -23.77 23.11 8.71
C LYS A 259 -25.22 23.37 8.33
N THR A 260 -26.12 23.31 9.31
CA THR A 260 -27.53 23.19 9.01
C THR A 260 -28.37 23.97 10.02
N ASN A 261 -29.53 24.43 9.54
CA ASN A 261 -30.51 25.11 10.37
C ASN A 261 -31.83 25.28 9.60
N SER B 73 14.13 33.59 9.05
CA SER B 73 13.24 32.99 8.06
C SER B 73 12.48 31.83 8.65
N ASP B 74 11.71 31.16 7.81
CA ASP B 74 11.01 29.94 8.20
C ASP B 74 11.86 28.73 7.82
N LEU B 75 11.95 27.77 8.75
CA LEU B 75 12.74 26.58 8.50
C LEU B 75 12.42 25.91 7.16
N PRO B 76 11.15 25.76 6.78
CA PRO B 76 10.84 25.08 5.51
C PRO B 76 11.27 25.85 4.27
N ASN B 77 11.83 27.05 4.44
CA ASN B 77 12.50 27.75 3.36
C ASN B 77 14.00 27.81 3.58
N ASN B 78 14.48 27.37 4.75
CA ASN B 78 15.88 27.46 5.13
C ASN B 78 16.54 26.10 5.22
N CYS B 79 15.80 25.06 5.53
CA CYS B 79 16.35 23.73 5.63
C CYS B 79 16.57 23.09 4.26
N LEU B 80 16.15 23.75 3.18
CA LEU B 80 16.27 23.15 1.85
C LEU B 80 17.58 23.52 1.18
N ASN B 81 18.14 24.69 1.46
CA ASN B 81 19.46 25.03 0.93
C ASN B 81 20.55 24.30 1.70
N ALA B 82 20.46 22.99 1.83
CA ALA B 82 21.51 22.27 2.56
C ALA B 82 22.86 22.45 1.86
N SER B 83 22.89 22.30 0.53
CA SER B 83 24.13 22.51 -0.19
C SER B 83 24.72 23.89 0.13
N SER B 84 23.88 24.92 0.17
CA SER B 84 24.38 26.29 0.30
C SER B 84 25.03 26.52 1.66
N LEU B 85 24.30 26.23 2.74
CA LEU B 85 24.73 26.54 4.10
C LEU B 85 25.38 25.33 4.76
N LYS B 86 26.16 25.61 5.81
CA LYS B 86 26.78 24.55 6.60
C LYS B 86 25.72 23.62 7.17
N CYS B 87 25.77 22.35 6.78
CA CYS B 87 24.83 21.37 7.29
C CYS B 87 25.56 20.18 7.89
N GLU B 88 24.80 19.38 8.62
CA GLU B 88 25.34 18.22 9.32
C GLU B 88 24.17 17.26 9.53
N ILE B 89 24.21 16.11 8.87
CA ILE B 89 23.18 15.09 9.11
C ILE B 89 23.47 14.42 10.45
N LYS B 90 22.43 14.28 11.28
CA LYS B 90 22.51 13.63 12.59
C LYS B 90 22.08 12.16 12.56
N GLY B 91 21.04 11.83 11.80
CA GLY B 91 20.62 10.44 11.67
C GLY B 91 20.10 10.06 10.30
N ILE B 92 20.55 8.90 9.79
CA ILE B 92 20.07 8.32 8.54
C ILE B 92 19.26 7.07 8.88
N SER B 93 17.96 7.06 8.57
CA SER B 93 17.11 5.92 8.84
C SER B 93 16.89 5.11 7.56
N THR B 94 15.96 4.15 7.61
CA THR B 94 15.71 3.37 6.42
C THR B 94 14.95 4.16 5.36
N TYR B 95 14.31 5.25 5.73
CA TYR B 95 13.40 5.91 4.82
C TYR B 95 13.43 7.43 4.88
N ASN B 96 14.32 8.02 5.67
CA ASN B 96 14.47 9.47 5.70
C ASN B 96 15.68 9.81 6.56
N VAL B 97 16.14 11.05 6.43
CA VAL B 97 17.37 11.54 7.03
C VAL B 97 17.04 12.70 7.95
N TYR B 98 17.71 12.73 9.12
CA TYR B 98 17.58 13.82 10.08
C TYR B 98 18.88 14.60 10.09
N TYR B 99 18.82 15.86 9.67
CA TYR B 99 19.99 16.70 9.52
C TYR B 99 19.65 18.11 9.95
N GLN B 100 20.67 18.85 10.37
CA GLN B 100 20.47 20.24 10.74
C GLN B 100 21.39 21.13 9.92
N VAL B 101 21.14 22.44 10.00
CA VAL B 101 21.89 23.43 9.24
C VAL B 101 22.08 24.68 10.09
N GLU B 102 23.05 25.49 9.71
CA GLU B 102 23.41 26.69 10.45
C GLU B 102 23.37 27.87 9.48
N ASN B 103 22.42 28.78 9.70
CA ASN B 103 22.31 29.99 8.90
C ASN B 103 22.52 31.18 9.81
N ASN B 104 23.74 31.72 9.80
CA ASN B 104 24.05 32.94 10.54
C ASN B 104 23.69 32.76 12.02
N GLY B 105 24.34 31.77 12.62
CA GLY B 105 24.25 31.50 14.05
C GLY B 105 23.09 30.61 14.45
N VAL B 106 21.97 30.73 13.74
CA VAL B 106 20.78 29.96 14.06
C VAL B 106 20.96 28.52 13.61
N ILE B 107 20.40 27.59 14.38
CA ILE B 107 20.47 26.17 14.07
C ILE B 107 19.08 25.67 13.72
N TYR B 108 18.99 24.91 12.63
CA TYR B 108 17.71 24.47 12.08
C TYR B 108 17.72 22.95 12.02
N SER B 109 17.01 22.31 12.94
CA SER B 109 16.83 20.86 12.86
C SER B 109 15.68 20.53 11.91
N CYS B 110 15.82 19.43 11.18
CA CYS B 110 14.76 19.09 10.23
C CYS B 110 15.01 17.70 9.63
N VAL B 111 13.93 17.11 9.12
CA VAL B 111 13.97 15.75 8.57
C VAL B 111 13.37 15.74 7.17
N SER B 112 13.96 14.92 6.29
CA SER B 112 13.52 14.84 4.92
C SER B 112 13.58 13.42 4.40
N ASP B 113 12.76 13.15 3.37
CA ASP B 113 12.76 11.86 2.69
C ASP B 113 13.55 11.88 1.39
N SER B 114 14.29 12.97 1.11
CA SER B 114 15.06 13.12 -0.12
C SER B 114 16.51 13.42 0.23
N ALA B 115 17.43 12.65 -0.35
CA ALA B 115 18.86 12.79 -0.13
C ALA B 115 19.51 13.76 -1.12
N GLU B 116 18.73 14.62 -1.77
CA GLU B 116 19.26 15.50 -2.80
C GLU B 116 19.99 16.67 -2.16
N GLY B 117 21.30 16.72 -2.34
CA GLY B 117 22.07 17.83 -1.85
C GLY B 117 22.52 17.71 -0.42
N LEU B 118 22.70 16.48 0.08
CA LEU B 118 23.17 16.26 1.44
C LEU B 118 24.53 15.57 1.47
N GLU B 119 25.31 15.72 0.40
CA GLU B 119 26.62 15.10 0.33
C GLU B 119 27.71 15.99 0.89
N LYS B 120 27.56 17.31 0.77
CA LYS B 120 28.45 18.25 1.43
C LYS B 120 28.09 18.46 2.89
N CYS B 121 27.03 17.81 3.39
CA CYS B 121 26.73 17.75 4.81
C CYS B 121 27.70 16.82 5.53
N ASP B 122 28.05 17.18 6.75
CA ASP B 122 28.93 16.32 7.52
C ASP B 122 28.20 15.02 7.89
N ASN B 123 28.95 13.92 7.92
CA ASN B 123 28.42 12.60 8.26
C ASN B 123 27.52 12.02 7.16
N SER B 124 27.87 12.25 5.89
CA SER B 124 27.04 11.79 4.78
C SER B 124 27.46 10.42 4.25
N LEU B 125 28.45 9.78 4.88
CA LEU B 125 29.08 8.59 4.31
C LEU B 125 28.07 7.47 4.08
N ASN B 126 27.26 7.17 5.09
CA ASN B 126 26.30 6.08 4.99
C ASN B 126 24.95 6.52 4.42
N LEU B 127 24.90 7.64 3.72
CA LEU B 127 23.65 8.11 3.16
C LEU B 127 23.38 7.34 1.87
N PRO B 128 22.21 6.73 1.71
CA PRO B 128 21.88 6.10 0.42
C PRO B 128 21.60 7.17 -0.62
N LYS B 129 21.80 6.79 -1.88
CA LYS B 129 21.54 7.72 -2.98
C LYS B 129 20.08 8.12 -3.02
N ARG B 130 19.19 7.20 -2.66
CA ARG B 130 17.77 7.42 -2.68
C ARG B 130 17.14 6.79 -1.44
N PHE B 131 16.02 7.36 -1.02
CA PHE B 131 15.22 6.84 0.09
C PHE B 131 13.91 6.28 -0.47
N SER B 132 13.57 5.07 -0.07
CA SER B 132 12.29 4.51 -0.48
C SER B 132 11.14 5.38 0.02
N LYS B 133 10.21 5.69 -0.87
CA LYS B 133 9.10 6.58 -0.55
C LYS B 133 7.79 5.83 -0.34
N VAL B 134 7.86 4.55 0.00
CA VAL B 134 6.65 3.76 0.23
C VAL B 134 5.85 4.36 1.38
N PRO B 135 4.60 3.95 1.57
CA PRO B 135 3.83 4.37 2.74
C PRO B 135 4.20 3.52 3.95
N VAL B 136 4.49 4.18 5.06
CA VAL B 136 5.01 3.52 6.24
C VAL B 136 4.39 4.17 7.47
N ILE B 137 4.16 3.37 8.50
CA ILE B 137 3.59 3.84 9.77
C ILE B 137 4.29 3.14 10.91
N PRO B 138 4.46 3.80 12.06
CA PRO B 138 5.15 3.15 13.18
C PRO B 138 4.39 1.95 13.67
N ILE B 139 5.13 1.02 14.27
CA ILE B 139 4.57 -0.19 14.85
C ILE B 139 4.36 0.03 16.33
N THR B 140 3.12 -0.23 16.76
CA THR B 140 2.75 -0.05 18.15
C THR B 140 2.68 -1.36 18.93
N LYS B 141 2.35 -2.48 18.27
CA LYS B 141 2.32 -3.77 18.93
C LYS B 141 3.69 -4.42 18.78
N LEU B 142 4.44 -4.49 19.87
CA LEU B 142 5.83 -4.93 19.81
C LEU B 142 5.98 -6.39 19.39
N ASP B 143 4.93 -7.19 19.57
CA ASP B 143 4.98 -8.56 19.11
C ASP B 143 4.98 -8.62 17.59
N ASN B 144 4.24 -7.72 16.96
CA ASN B 144 4.15 -7.75 15.51
C ASN B 144 5.46 -7.40 14.84
N LYS B 145 6.42 -6.83 15.58
CA LYS B 145 7.61 -6.28 14.93
C LYS B 145 8.37 -7.36 14.15
N ARG B 146 8.73 -8.46 14.81
CA ARG B 146 9.54 -9.47 14.15
C ARG B 146 8.94 -9.94 12.82
N HIS B 147 7.63 -9.76 12.62
CA HIS B 147 6.93 -10.26 11.45
C HIS B 147 6.66 -9.18 10.41
N PHE B 148 6.40 -7.94 10.85
CA PHE B 148 5.94 -6.86 9.98
C PHE B 148 6.99 -5.77 9.74
N SER B 149 8.10 -5.80 10.47
CA SER B 149 9.09 -4.74 10.39
C SER B 149 9.67 -4.66 8.98
N VAL B 150 9.82 -3.43 8.47
CA VAL B 150 10.53 -3.26 7.21
C VAL B 150 11.55 -2.13 7.33
N GLY B 151 11.96 -1.79 8.55
CA GLY B 151 13.03 -0.83 8.73
C GLY B 151 12.66 0.23 9.74
N THR B 152 13.46 1.29 9.78
CA THR B 152 13.19 2.41 10.68
C THR B 152 13.02 3.70 9.89
N LYS B 153 12.28 4.63 10.50
CA LYS B 153 12.02 5.95 9.94
C LYS B 153 11.98 6.96 11.08
N PHE B 154 12.21 8.21 10.74
CA PHE B 154 12.19 9.29 11.71
C PHE B 154 10.81 9.93 11.78
N PHE B 155 10.41 10.32 12.98
CA PHE B 155 9.10 10.88 13.22
C PHE B 155 9.18 11.99 14.25
N ILE B 156 8.29 12.97 14.12
CA ILE B 156 8.22 14.06 15.08
C ILE B 156 7.38 13.61 16.27
N SER B 157 7.96 13.73 17.46
CA SER B 157 7.30 13.36 18.70
C SER B 157 7.41 14.49 19.70
N GLU B 158 6.47 14.51 20.64
CA GLU B 158 6.48 15.53 21.67
C GLU B 158 7.61 15.27 22.65
N SER B 159 8.27 16.34 23.07
CA SER B 159 9.34 16.21 24.05
C SER B 159 8.75 15.89 25.42
N LEU B 160 9.42 14.99 26.14
CA LEU B 160 8.96 14.61 27.47
C LEU B 160 9.27 15.67 28.51
N THR B 161 10.31 16.49 28.31
CA THR B 161 10.69 17.52 29.26
C THR B 161 10.08 18.86 28.91
N GLN B 162 9.03 18.87 28.10
CA GLN B 162 8.31 20.10 27.74
C GLN B 162 9.23 21.13 27.10
N ASP B 163 10.26 20.67 26.40
CA ASP B 163 11.19 21.56 25.71
C ASP B 163 11.33 21.06 24.26
N ASN B 164 10.26 21.27 23.49
CA ASN B 164 10.27 20.99 22.06
C ASN B 164 11.03 22.06 21.31
N TYR B 165 11.87 21.63 20.38
CA TYR B 165 12.58 22.54 19.49
C TYR B 165 11.91 22.60 18.12
N PRO B 166 12.15 23.68 17.37
CA PRO B 166 11.52 23.83 16.05
C PRO B 166 12.22 22.95 15.02
N ILE B 167 11.47 22.02 14.44
CA ILE B 167 12.02 21.07 13.47
C ILE B 167 11.05 20.95 12.30
N THR B 168 11.60 20.93 11.09
CA THR B 168 10.83 20.89 9.85
C THR B 168 10.82 19.46 9.32
N TYR B 169 9.62 18.89 9.13
CA TYR B 169 9.43 17.51 8.71
C TYR B 169 8.90 17.49 7.27
N ASN B 170 9.74 17.01 6.35
CA ASN B 170 9.37 16.96 4.94
C ASN B 170 8.77 18.30 4.50
N SER B 171 9.46 19.38 4.85
CA SER B 171 9.09 20.74 4.45
C SER B 171 7.88 21.26 5.20
N TYR B 172 7.47 20.57 6.27
CA TYR B 172 6.38 21.02 7.14
C TYR B 172 6.96 21.41 8.48
N PRO B 173 6.84 22.67 8.91
CA PRO B 173 7.42 23.09 10.19
C PRO B 173 6.52 22.83 11.38
N THR B 174 7.15 22.48 12.50
CA THR B 174 6.44 22.19 13.74
C THR B 174 7.44 22.25 14.89
N ASN B 175 6.90 22.27 16.10
CA ASN B 175 7.68 22.20 17.32
C ASN B 175 7.60 20.77 17.85
N GLY B 176 8.76 20.17 18.12
CA GLY B 176 8.78 18.84 18.68
C GLY B 176 10.19 18.34 18.80
N THR B 177 10.32 17.06 19.09
CA THR B 177 11.61 16.42 19.06
C THR B 177 11.59 15.36 17.96
N VAL B 178 12.73 14.72 17.73
CA VAL B 178 12.86 13.71 16.67
C VAL B 178 13.09 12.35 17.32
N SER B 179 12.36 11.34 16.86
CA SER B 179 12.50 9.99 17.38
C SER B 179 12.52 8.98 16.23
N LEU B 180 13.26 7.89 16.43
CA LEU B 180 13.44 6.83 15.43
C LEU B 180 12.68 5.57 15.87
N GLN B 181 11.65 5.20 15.10
CA GLN B 181 10.80 4.06 15.42
C GLN B 181 10.82 3.03 14.31
N THR B 182 10.59 1.77 14.71
CA THR B 182 10.44 0.69 13.75
C THR B 182 9.11 0.81 13.05
N VAL B 183 9.07 0.48 11.75
CA VAL B 183 7.90 0.77 10.94
C VAL B 183 7.45 -0.47 10.21
N LYS B 184 6.25 -0.35 9.63
CA LYS B 184 5.63 -1.41 8.88
C LYS B 184 4.99 -0.80 7.66
N LEU B 185 4.86 -1.60 6.61
CA LEU B 185 4.19 -1.11 5.43
C LEU B 185 2.73 -0.83 5.74
N SER B 186 2.15 0.10 4.98
CA SER B 186 0.76 0.49 5.19
C SER B 186 0.18 0.96 3.88
N GLY B 187 -1.15 0.94 3.80
CA GLY B 187 -1.87 1.35 2.62
C GLY B 187 -2.68 0.20 2.04
N ASP B 188 -3.56 0.57 1.10
CA ASP B 188 -4.45 -0.39 0.47
C ASP B 188 -3.68 -1.11 -0.63
N CYS B 189 -3.50 -2.43 -0.47
CA CYS B 189 -2.89 -3.27 -1.49
C CYS B 189 -3.63 -4.59 -1.54
N LYS B 190 -4.05 -4.99 -2.74
CA LYS B 190 -4.82 -6.21 -2.93
C LYS B 190 -3.94 -7.28 -3.54
N ILE B 191 -4.00 -8.49 -2.98
CA ILE B 191 -3.10 -9.58 -3.34
C ILE B 191 -3.95 -10.72 -3.87
N THR B 192 -3.84 -11.00 -5.17
CA THR B 192 -4.62 -12.08 -5.77
C THR B 192 -3.70 -13.11 -6.39
N LYS B 193 -4.29 -14.24 -6.78
CA LYS B 193 -3.54 -15.32 -7.37
C LYS B 193 -3.55 -15.18 -8.89
N SER B 194 -2.37 -15.29 -9.50
CA SER B 194 -2.23 -15.06 -10.93
C SER B 194 -2.71 -16.28 -11.71
N ASN B 195 -3.09 -16.02 -12.95
CA ASN B 195 -3.52 -17.08 -13.84
C ASN B 195 -2.58 -17.31 -15.01
N PHE B 196 -1.88 -16.27 -15.46
CA PHE B 196 -1.07 -16.42 -16.66
C PHE B 196 0.20 -17.20 -16.40
N ALA B 197 0.81 -17.01 -15.25
CA ALA B 197 2.11 -17.62 -14.97
C ALA B 197 1.92 -18.92 -14.18
N ASN B 198 2.99 -19.42 -13.57
CA ASN B 198 2.92 -20.67 -12.85
C ASN B 198 2.08 -20.51 -11.59
N PRO B 199 1.76 -21.60 -10.90
CA PRO B 199 0.90 -21.50 -9.71
C PRO B 199 1.53 -20.72 -8.56
N TYR B 200 2.80 -20.33 -8.66
CA TYR B 200 3.45 -19.61 -7.58
C TYR B 200 3.70 -18.15 -7.95
N THR B 201 2.84 -17.57 -8.79
CA THR B 201 2.90 -16.15 -9.16
C THR B 201 1.65 -15.44 -8.65
N VAL B 202 1.85 -14.26 -8.07
CA VAL B 202 0.78 -13.46 -7.50
C VAL B 202 0.76 -12.08 -8.18
N SER B 203 -0.39 -11.42 -8.12
CA SER B 203 -0.58 -10.10 -8.70
C SER B 203 -1.00 -9.15 -7.59
N ILE B 204 -0.14 -8.19 -7.27
CA ILE B 204 -0.40 -7.20 -6.24
C ILE B 204 -0.79 -5.88 -6.90
N THR B 205 -1.90 -5.31 -6.47
CA THR B 205 -2.38 -4.05 -7.02
C THR B 205 -2.70 -3.10 -5.89
N SER B 206 -2.37 -1.83 -6.09
CA SER B 206 -2.61 -0.79 -5.11
C SER B 206 -3.15 0.47 -5.79
N PRO B 207 -4.16 1.10 -5.19
CA PRO B 207 -4.64 2.37 -5.72
C PRO B 207 -3.74 3.56 -5.40
N GLU B 208 -2.86 3.47 -4.39
CA GLU B 208 -2.04 4.62 -4.05
C GLU B 208 -0.91 4.77 -5.06
N LYS B 209 -0.35 5.98 -5.13
CA LYS B 209 0.65 6.27 -6.15
C LYS B 209 1.79 5.28 -6.07
N ILE B 210 2.35 5.09 -4.88
CA ILE B 210 3.48 4.19 -4.71
C ILE B 210 3.20 3.32 -3.50
N MET B 211 3.32 2.01 -3.68
CA MET B 211 3.12 1.03 -2.63
C MET B 211 4.34 0.12 -2.58
N GLY B 212 4.64 -0.38 -1.39
CA GLY B 212 5.81 -1.22 -1.17
C GLY B 212 5.39 -2.63 -0.80
N TYR B 213 6.12 -3.61 -1.32
CA TYR B 213 5.94 -5.00 -0.91
C TYR B 213 7.27 -5.56 -0.42
N LEU B 214 7.18 -6.60 0.40
CA LEU B 214 8.39 -7.25 0.88
C LEU B 214 8.06 -8.68 1.27
N ILE B 215 8.83 -9.61 0.72
CA ILE B 215 8.76 -11.00 1.10
C ILE B 215 9.80 -11.21 2.20
N LYS B 216 9.34 -11.69 3.35
CA LYS B 216 10.16 -11.72 4.55
C LYS B 216 9.83 -12.96 5.39
N LYS B 217 10.86 -13.73 5.73
CA LYS B 217 10.67 -14.70 6.80
C LYS B 217 10.78 -13.98 8.14
N PRO B 218 9.83 -14.18 9.07
CA PRO B 218 9.83 -13.37 10.30
C PRO B 218 11.16 -13.37 11.04
N GLY B 219 11.77 -12.19 11.15
CA GLY B 219 13.04 -12.04 11.81
C GLY B 219 14.22 -11.85 10.89
N GLU B 220 13.99 -11.70 9.59
CA GLU B 220 15.07 -11.56 8.63
C GLU B 220 15.49 -10.11 8.52
N ASN B 221 16.74 -9.90 8.10
CA ASN B 221 17.28 -8.56 7.87
C ASN B 221 17.21 -8.28 6.38
N VAL B 222 16.10 -7.67 5.95
CA VAL B 222 15.90 -7.45 4.52
C VAL B 222 15.36 -6.03 4.33
N GLU B 223 15.78 -5.12 5.22
CA GLU B 223 15.18 -3.79 5.30
C GLU B 223 15.26 -3.03 3.97
N HIS B 224 16.28 -3.28 3.15
CA HIS B 224 16.39 -2.59 1.88
C HIS B 224 15.69 -3.33 0.74
N LYS B 225 15.15 -4.52 1.01
CA LYS B 225 14.46 -5.33 0.00
C LYS B 225 13.07 -4.81 -0.34
N VAL B 226 12.57 -3.83 0.41
CA VAL B 226 11.26 -3.26 0.12
C VAL B 226 11.23 -2.80 -1.34
N ILE B 227 10.37 -3.43 -2.12
CA ILE B 227 10.19 -3.04 -3.51
C ILE B 227 9.00 -2.10 -3.59
N SER B 228 9.10 -1.12 -4.48
CA SER B 228 8.06 -0.13 -4.68
C SER B 228 7.42 -0.35 -6.05
N PHE B 229 6.15 0.00 -6.16
CA PHE B 229 5.44 -0.18 -7.42
C PHE B 229 4.27 0.78 -7.48
N SER B 230 4.08 1.37 -8.66
CA SER B 230 2.97 2.24 -8.94
C SER B 230 1.97 1.49 -9.80
N GLY B 231 0.79 1.21 -9.23
CA GLY B 231 -0.27 0.61 -10.00
C GLY B 231 -0.42 -0.85 -9.65
N SER B 232 0.24 -1.69 -10.42
CA SER B 232 0.14 -3.13 -10.25
C SER B 232 1.54 -3.71 -10.40
N ALA B 233 1.73 -4.92 -9.89
CA ALA B 233 2.96 -5.64 -10.17
C ALA B 233 2.69 -7.12 -9.96
N SER B 234 3.66 -7.93 -10.37
CA SER B 234 3.53 -9.37 -10.34
C SER B 234 4.79 -9.94 -9.71
N ILE B 235 4.64 -11.02 -8.94
CA ILE B 235 5.75 -11.61 -8.19
C ILE B 235 5.67 -13.12 -8.37
N THR B 236 6.65 -13.69 -9.05
CA THR B 236 6.82 -15.14 -9.06
C THR B 236 7.66 -15.55 -7.87
N PHE B 237 7.16 -16.47 -7.07
CA PHE B 237 7.88 -16.89 -5.87
C PHE B 237 9.02 -17.84 -6.24
N THR B 238 10.15 -17.66 -5.58
CA THR B 238 11.28 -18.55 -5.75
C THR B 238 11.15 -19.73 -4.79
N GLU B 239 12.00 -20.75 -4.98
CA GLU B 239 11.88 -21.95 -4.17
C GLU B 239 12.27 -21.69 -2.72
N GLU B 240 13.27 -20.85 -2.48
CA GLU B 240 13.66 -20.55 -1.11
C GLU B 240 12.54 -19.88 -0.33
N MET B 241 11.61 -19.22 -1.02
CA MET B 241 10.46 -18.58 -0.39
C MET B 241 9.31 -19.55 -0.17
N LEU B 242 9.36 -20.73 -0.78
CA LEU B 242 8.18 -21.59 -0.86
C LEU B 242 7.96 -22.42 0.40
N ASP B 243 8.90 -22.42 1.34
CA ASP B 243 8.62 -22.99 2.66
C ASP B 243 7.54 -22.16 3.36
N GLY B 244 6.77 -22.83 4.22
CA GLY B 244 5.61 -22.21 4.83
C GLY B 244 5.90 -21.00 5.70
N GLU B 245 7.18 -20.70 5.97
CA GLU B 245 7.51 -19.65 6.93
C GLU B 245 7.44 -18.25 6.30
N HIS B 246 7.84 -18.12 5.04
CA HIS B 246 7.90 -16.80 4.42
C HIS B 246 6.51 -16.19 4.28
N ASN B 247 6.44 -14.87 4.42
CA ASN B 247 5.21 -14.10 4.37
C ASN B 247 5.38 -12.94 3.40
N LEU B 248 4.35 -12.68 2.59
CA LEU B 248 4.35 -11.52 1.69
C LEU B 248 3.66 -10.35 2.36
N LEU B 249 4.42 -9.29 2.61
CA LEU B 249 3.90 -8.06 3.18
C LEU B 249 3.68 -7.05 2.05
N CYS B 250 2.47 -6.51 1.96
CA CYS B 250 2.14 -5.46 0.99
C CYS B 250 1.19 -4.48 1.66
N GLY B 251 1.68 -3.30 1.98
CA GLY B 251 0.88 -2.38 2.77
C GLY B 251 0.34 -3.09 3.99
N ASP B 252 -0.90 -2.73 4.38
CA ASP B 252 -1.51 -3.29 5.58
C ASP B 252 -1.56 -4.81 5.59
N LYS B 253 -1.32 -5.48 4.46
CA LYS B 253 -1.58 -6.91 4.35
C LYS B 253 -0.32 -7.74 4.59
N SER B 254 -0.55 -8.96 5.07
CA SER B 254 0.49 -9.98 5.22
C SER B 254 -0.12 -11.32 4.86
N ALA B 255 0.43 -11.93 3.82
CA ALA B 255 -0.05 -13.20 3.29
C ALA B 255 1.03 -14.25 3.49
N LYS B 256 0.61 -15.45 3.88
CA LYS B 256 1.59 -16.52 4.00
C LYS B 256 1.84 -17.10 2.61
N ILE B 257 3.11 -17.30 2.29
CA ILE B 257 3.46 -17.95 1.03
C ILE B 257 3.37 -19.44 1.27
N PRO B 258 2.47 -20.15 0.59
CA PRO B 258 2.20 -21.54 0.96
C PRO B 258 3.39 -22.43 0.74
N LYS B 259 3.53 -23.44 1.60
CA LYS B 259 4.51 -24.49 1.39
C LYS B 259 3.98 -25.45 0.32
N THR B 260 4.72 -25.59 -0.78
CA THR B 260 4.31 -26.52 -1.83
C THR B 260 5.53 -27.24 -2.37
N ASN B 261 5.48 -28.57 -2.36
CA ASN B 261 6.57 -29.44 -2.84
C ASN B 261 6.21 -30.08 -4.17
N ASN C 77 4.60 8.98 -20.10
CA ASN C 77 4.57 7.59 -19.64
C ASN C 77 5.96 7.05 -19.46
N ASN C 78 6.23 6.46 -18.29
CA ASN C 78 7.53 5.86 -18.05
C ASN C 78 7.76 4.62 -18.90
N CYS C 79 6.70 4.02 -19.44
CA CYS C 79 6.84 2.72 -20.09
C CYS C 79 7.45 2.80 -21.47
N LEU C 80 7.39 3.95 -22.12
CA LEU C 80 7.99 4.06 -23.44
C LEU C 80 9.50 4.27 -23.36
N ASN C 81 10.04 4.53 -22.17
CA ASN C 81 11.47 4.60 -21.95
C ASN C 81 12.01 3.17 -21.77
N ALA C 82 11.26 2.20 -22.32
CA ALA C 82 11.57 0.79 -22.11
C ALA C 82 12.92 0.39 -22.69
N SER C 83 13.38 1.10 -23.73
CA SER C 83 14.71 0.92 -24.26
C SER C 83 15.77 1.70 -23.50
N SER C 84 15.37 2.43 -22.44
CA SER C 84 16.32 3.14 -21.59
C SER C 84 16.24 2.73 -20.12
N LEU C 85 15.17 2.06 -19.70
CA LEU C 85 14.98 1.71 -18.31
C LEU C 85 15.19 0.21 -18.10
N LYS C 86 15.25 -0.20 -16.84
CA LYS C 86 15.35 -1.61 -16.53
C LYS C 86 14.03 -2.30 -16.91
N CYS C 87 14.13 -3.41 -17.64
CA CYS C 87 12.95 -4.05 -18.20
C CYS C 87 12.91 -5.53 -17.83
N GLU C 88 11.69 -6.06 -17.70
CA GLU C 88 11.49 -7.48 -17.46
C GLU C 88 10.06 -7.85 -17.87
N ILE C 89 9.90 -8.61 -18.96
CA ILE C 89 8.59 -9.04 -19.42
C ILE C 89 8.08 -10.17 -18.54
N LYS C 90 6.79 -10.13 -18.18
CA LYS C 90 6.19 -11.11 -17.29
C LYS C 90 5.13 -11.97 -17.97
N GLY C 91 4.99 -11.87 -19.29
CA GLY C 91 4.00 -12.68 -19.99
C GLY C 91 3.77 -12.24 -21.43
N ILE C 92 3.48 -13.20 -22.31
CA ILE C 92 3.23 -12.90 -23.71
C ILE C 92 1.94 -13.60 -24.12
N SER C 93 0.96 -12.83 -24.58
CA SER C 93 -0.25 -13.42 -25.08
C SER C 93 -0.15 -13.52 -26.60
N THR C 94 -1.18 -14.09 -27.23
CA THR C 94 -1.18 -14.15 -28.69
C THR C 94 -1.25 -12.77 -29.32
N TYR C 95 -1.65 -11.74 -28.55
CA TYR C 95 -1.86 -10.43 -29.15
C TYR C 95 -1.28 -9.25 -28.37
N ASN C 96 -0.72 -9.46 -27.19
CA ASN C 96 -0.06 -8.36 -26.50
C ASN C 96 0.82 -8.92 -25.40
N VAL C 97 1.70 -8.06 -24.88
CA VAL C 97 2.76 -8.49 -23.99
C VAL C 97 2.69 -7.68 -22.69
N TYR C 98 3.05 -8.35 -21.59
CA TYR C 98 3.03 -7.78 -20.25
C TYR C 98 4.46 -7.63 -19.76
N TYR C 99 4.96 -6.41 -19.78
CA TYR C 99 6.30 -6.12 -19.31
C TYR C 99 6.25 -5.18 -18.12
N GLN C 100 7.37 -5.07 -17.43
CA GLN C 100 7.51 -4.23 -16.24
C GLN C 100 8.78 -3.40 -16.37
N VAL C 101 8.64 -2.09 -16.20
CA VAL C 101 9.76 -1.18 -16.26
C VAL C 101 9.92 -0.52 -14.90
N GLU C 102 11.16 -0.22 -14.55
CA GLU C 102 11.50 0.36 -13.25
C GLU C 102 12.27 1.64 -13.47
N ASN C 103 11.72 2.76 -12.99
CA ASN C 103 12.33 4.07 -13.17
C ASN C 103 12.50 4.73 -11.81
N ASN C 104 13.74 4.81 -11.34
CA ASN C 104 14.06 5.44 -10.05
C ASN C 104 13.55 4.62 -8.88
N GLY C 105 13.65 3.29 -8.99
CA GLY C 105 13.29 2.40 -7.91
C GLY C 105 11.83 2.01 -7.83
N VAL C 106 10.98 2.56 -8.68
CA VAL C 106 9.54 2.28 -8.68
C VAL C 106 9.20 1.41 -9.89
N ILE C 107 8.43 0.34 -9.64
CA ILE C 107 8.01 -0.60 -10.68
C ILE C 107 6.71 -0.10 -11.32
N TYR C 108 6.59 -0.26 -12.64
CA TYR C 108 5.37 0.09 -13.36
C TYR C 108 4.98 -1.06 -14.29
N SER C 109 3.73 -1.52 -14.20
CA SER C 109 3.28 -2.60 -15.06
C SER C 109 2.68 -2.04 -16.35
N CYS C 110 2.93 -2.74 -17.45
CA CYS C 110 2.56 -2.22 -18.76
C CYS C 110 2.23 -3.36 -19.72
N VAL C 111 1.20 -3.14 -20.52
CA VAL C 111 0.78 -4.06 -21.57
C VAL C 111 0.67 -3.26 -22.87
N SER C 112 1.28 -3.78 -23.92
CA SER C 112 1.22 -3.14 -25.22
C SER C 112 1.18 -4.21 -26.30
N ASP C 113 0.56 -3.86 -27.43
CA ASP C 113 0.59 -4.72 -28.61
C ASP C 113 1.74 -4.36 -29.55
N SER C 114 2.86 -3.88 -29.02
CA SER C 114 4.03 -3.54 -29.81
C SER C 114 5.25 -4.20 -29.19
N ALA C 115 5.83 -5.17 -29.90
CA ALA C 115 7.07 -5.82 -29.46
C ALA C 115 8.31 -5.03 -29.86
N GLU C 116 8.15 -3.73 -30.06
CA GLU C 116 9.22 -2.86 -30.48
C GLU C 116 9.93 -2.28 -29.26
N GLY C 117 11.25 -2.46 -29.21
CA GLY C 117 12.05 -1.92 -28.13
C GLY C 117 12.19 -2.81 -26.91
N LEU C 118 11.43 -3.90 -26.84
CA LEU C 118 11.47 -4.76 -25.67
C LEU C 118 12.57 -5.81 -25.75
N GLU C 119 13.41 -5.77 -26.78
CA GLU C 119 14.53 -6.71 -26.85
C GLU C 119 15.44 -6.57 -25.65
N LYS C 120 15.65 -5.34 -25.16
CA LYS C 120 16.48 -5.15 -23.99
C LYS C 120 15.86 -5.76 -22.74
N CYS C 121 14.57 -6.05 -22.78
CA CYS C 121 13.87 -6.62 -21.65
C CYS C 121 14.36 -8.03 -21.34
N ASP C 122 14.33 -8.37 -20.06
CA ASP C 122 14.57 -9.75 -19.68
C ASP C 122 13.42 -10.62 -20.18
N ASN C 123 13.68 -11.90 -20.34
CA ASN C 123 12.67 -12.85 -20.82
C ASN C 123 12.15 -12.48 -22.20
N SER C 124 12.91 -11.73 -22.99
CA SER C 124 12.50 -11.34 -24.34
C SER C 124 13.05 -12.33 -25.37
N LEU C 125 12.65 -13.58 -25.23
CA LEU C 125 13.09 -14.62 -26.14
C LEU C 125 11.99 -15.08 -27.08
N ASN C 126 10.82 -15.38 -26.53
CA ASN C 126 9.71 -15.90 -27.31
C ASN C 126 8.73 -14.80 -27.71
N LEU C 127 9.21 -13.57 -27.81
CA LEU C 127 8.26 -12.55 -28.24
C LEU C 127 8.31 -12.41 -29.76
N PRO C 128 7.18 -12.44 -30.45
CA PRO C 128 7.19 -12.36 -31.91
C PRO C 128 7.42 -10.94 -32.38
N LYS C 129 7.96 -10.81 -33.59
CA LYS C 129 8.17 -9.49 -34.15
C LYS C 129 6.86 -8.75 -34.38
N ARG C 130 5.74 -9.48 -34.49
CA ARG C 130 4.49 -8.87 -34.90
C ARG C 130 3.35 -9.38 -34.03
N PHE C 131 2.51 -8.45 -33.56
CA PHE C 131 1.28 -8.74 -32.83
C PHE C 131 0.11 -8.33 -33.70
N SER C 132 -0.69 -9.29 -34.14
CA SER C 132 -1.85 -8.95 -34.94
C SER C 132 -2.80 -8.07 -34.13
N LYS C 133 -3.08 -6.87 -34.64
CA LYS C 133 -3.93 -5.91 -33.93
C LYS C 133 -5.40 -6.08 -34.29
N VAL C 134 -5.82 -7.29 -34.66
CA VAL C 134 -7.22 -7.58 -34.99
C VAL C 134 -8.09 -7.27 -33.78
N PRO C 135 -9.30 -6.74 -33.96
CA PRO C 135 -10.17 -6.49 -32.80
C PRO C 135 -10.58 -7.79 -32.13
N VAL C 136 -10.70 -7.77 -30.81
CA VAL C 136 -10.99 -8.98 -30.05
C VAL C 136 -11.65 -8.62 -28.74
N ILE C 137 -12.40 -9.58 -28.20
CA ILE C 137 -13.15 -9.41 -26.96
C ILE C 137 -13.10 -10.71 -26.18
N PRO C 138 -13.05 -10.61 -24.85
CA PRO C 138 -12.91 -11.81 -23.99
C PRO C 138 -14.09 -12.76 -24.13
N ILE C 139 -13.78 -14.06 -24.17
CA ILE C 139 -14.78 -15.10 -24.23
C ILE C 139 -15.51 -15.13 -22.88
N THR C 140 -16.78 -14.72 -22.88
CA THR C 140 -17.57 -14.71 -21.66
C THR C 140 -18.35 -16.01 -21.47
N LYS C 141 -19.06 -16.45 -22.50
CA LYS C 141 -19.84 -17.67 -22.40
C LYS C 141 -18.91 -18.88 -22.29
N LEU C 142 -19.23 -19.76 -21.34
CA LEU C 142 -18.38 -20.93 -21.08
C LEU C 142 -18.37 -21.86 -22.30
N ASP C 143 -19.55 -22.20 -22.82
CA ASP C 143 -19.67 -23.12 -23.94
C ASP C 143 -19.09 -22.57 -25.24
N ASN C 144 -18.54 -21.36 -25.24
CA ASN C 144 -17.93 -20.78 -26.42
C ASN C 144 -16.45 -21.08 -26.54
N LYS C 145 -15.83 -21.64 -25.49
CA LYS C 145 -14.39 -21.89 -25.53
C LYS C 145 -14.01 -22.85 -26.64
N ARG C 146 -14.85 -23.86 -26.90
CA ARG C 146 -14.45 -24.92 -27.81
C ARG C 146 -14.31 -24.42 -29.24
N HIS C 147 -15.25 -23.56 -29.70
CA HIS C 147 -15.27 -23.17 -31.10
C HIS C 147 -15.13 -21.67 -31.36
N PHE C 148 -15.37 -20.81 -30.37
CA PHE C 148 -15.32 -19.37 -30.55
C PHE C 148 -14.00 -18.75 -30.05
N SER C 149 -12.95 -19.56 -29.87
CA SER C 149 -11.69 -19.10 -29.28
C SER C 149 -10.65 -18.87 -30.38
N VAL C 150 -9.74 -17.93 -30.10
CA VAL C 150 -8.92 -17.40 -31.18
C VAL C 150 -7.55 -17.03 -30.64
N GLY C 151 -7.34 -17.15 -29.34
CA GLY C 151 -6.02 -16.95 -28.74
C GLY C 151 -6.16 -16.47 -27.32
N THR C 152 -5.19 -15.66 -26.90
CA THR C 152 -5.17 -15.08 -25.58
C THR C 152 -4.77 -13.62 -25.68
N LYS C 153 -5.03 -12.88 -24.60
CA LYS C 153 -4.73 -11.45 -24.60
C LYS C 153 -4.81 -10.94 -23.16
N PHE C 154 -3.91 -10.02 -22.83
CA PHE C 154 -3.81 -9.49 -21.48
C PHE C 154 -4.75 -8.31 -21.30
N PHE C 155 -5.69 -8.44 -20.38
CA PHE C 155 -6.61 -7.37 -20.02
C PHE C 155 -6.47 -7.06 -18.55
N ILE C 156 -6.84 -5.83 -18.18
CA ILE C 156 -6.92 -5.44 -16.78
C ILE C 156 -8.15 -6.08 -16.16
N SER C 157 -7.94 -6.94 -15.17
CA SER C 157 -9.03 -7.75 -14.62
C SER C 157 -10.11 -6.88 -13.98
N GLU C 158 -9.76 -5.69 -13.48
CA GLU C 158 -10.74 -4.85 -12.79
C GLU C 158 -11.96 -4.55 -13.65
N SER C 159 -11.80 -4.46 -14.98
CA SER C 159 -12.95 -4.22 -15.84
C SER C 159 -13.83 -5.47 -15.99
N ASN C 170 0.64 1.47 -27.29
CA ASN C 170 -0.20 1.79 -26.14
C ASN C 170 0.43 1.27 -24.86
N SER C 171 1.46 1.97 -24.38
CA SER C 171 2.15 1.53 -23.17
C SER C 171 1.17 1.37 -22.01
N TYR C 172 0.38 2.41 -21.76
CA TYR C 172 -0.65 2.38 -20.71
C TYR C 172 -0.08 1.86 -19.40
N PRO C 173 0.58 2.70 -18.60
CA PRO C 173 0.91 2.28 -17.23
C PRO C 173 -0.34 1.92 -16.45
N THR C 174 -0.48 0.64 -16.09
CA THR C 174 -1.74 0.13 -15.56
C THR C 174 -1.94 0.51 -14.10
N ASN C 175 -3.21 0.66 -13.72
CA ASN C 175 -3.62 0.73 -12.33
C ASN C 175 -4.65 -0.34 -12.01
N GLY C 176 -4.45 -1.53 -12.59
CA GLY C 176 -5.29 -2.68 -12.31
C GLY C 176 -4.48 -3.95 -12.45
N THR C 177 -5.06 -5.05 -11.99
CA THR C 177 -4.40 -6.34 -12.08
C THR C 177 -4.38 -6.83 -13.53
N VAL C 178 -3.20 -7.20 -14.01
CA VAL C 178 -3.07 -7.77 -15.36
C VAL C 178 -3.55 -9.21 -15.32
N SER C 179 -4.34 -9.60 -16.32
CA SER C 179 -4.95 -10.92 -16.35
C SER C 179 -5.01 -11.44 -17.78
N LEU C 180 -4.74 -12.74 -17.93
CA LEU C 180 -4.79 -13.40 -19.24
C LEU C 180 -6.15 -14.05 -19.43
N GLN C 181 -6.77 -13.81 -20.58
CA GLN C 181 -8.12 -14.29 -20.84
C GLN C 181 -8.20 -14.91 -22.23
N THR C 182 -8.90 -16.04 -22.34
CA THR C 182 -9.24 -16.59 -23.65
C THR C 182 -10.17 -15.62 -24.36
N VAL C 183 -10.08 -15.57 -25.68
CA VAL C 183 -10.52 -14.37 -26.38
C VAL C 183 -11.13 -14.74 -27.72
N LYS C 184 -12.06 -13.91 -28.19
CA LYS C 184 -12.77 -14.15 -29.44
C LYS C 184 -12.76 -12.92 -30.34
N LEU C 185 -12.89 -13.15 -31.65
CA LEU C 185 -12.86 -12.05 -32.60
C LEU C 185 -14.15 -11.22 -32.52
N SER C 186 -14.01 -9.91 -32.66
CA SER C 186 -15.12 -8.96 -32.52
C SER C 186 -15.20 -8.09 -33.77
N GLY C 187 -16.18 -7.19 -33.77
CA GLY C 187 -16.43 -6.32 -34.90
C GLY C 187 -17.45 -6.89 -35.87
N ASP C 188 -17.84 -6.06 -36.83
CA ASP C 188 -18.79 -6.43 -37.86
C ASP C 188 -18.07 -6.68 -39.18
N CYS C 189 -18.48 -7.74 -39.89
CA CYS C 189 -18.04 -7.97 -41.25
C CYS C 189 -19.18 -8.54 -42.07
N LYS C 190 -18.91 -8.71 -43.36
CA LYS C 190 -19.92 -9.10 -44.34
C LYS C 190 -19.74 -10.56 -44.73
N ILE C 191 -20.85 -11.28 -44.80
CA ILE C 191 -20.89 -12.66 -45.25
C ILE C 191 -21.73 -12.70 -46.52
N THR C 192 -21.06 -12.81 -47.67
CA THR C 192 -21.74 -12.81 -48.96
C THR C 192 -21.08 -13.81 -49.89
N LYS C 193 -21.90 -14.44 -50.73
CA LYS C 193 -21.39 -15.35 -51.74
C LYS C 193 -20.72 -14.57 -52.88
N SER C 194 -19.77 -15.22 -53.53
CA SER C 194 -19.06 -14.65 -54.68
C SER C 194 -19.56 -15.31 -55.95
N ASN C 195 -19.91 -14.50 -56.95
CA ASN C 195 -20.46 -15.03 -58.19
C ASN C 195 -19.37 -15.52 -59.13
N PHE C 196 -18.34 -14.70 -59.36
CA PHE C 196 -17.32 -15.06 -60.35
C PHE C 196 -16.60 -16.35 -59.94
N ALA C 197 -16.05 -16.38 -58.73
CA ALA C 197 -15.37 -17.57 -58.27
C ALA C 197 -16.35 -18.74 -58.17
N ASN C 198 -15.77 -19.95 -58.13
CA ASN C 198 -16.58 -21.15 -58.00
C ASN C 198 -17.39 -21.09 -56.71
N PRO C 199 -18.39 -21.97 -56.56
CA PRO C 199 -19.18 -21.98 -55.33
C PRO C 199 -18.32 -22.08 -54.08
N TYR C 200 -17.11 -22.62 -54.21
CA TYR C 200 -16.20 -22.72 -53.06
C TYR C 200 -15.87 -21.36 -52.49
N THR C 201 -15.53 -20.39 -53.35
CA THR C 201 -14.95 -19.12 -52.91
C THR C 201 -16.01 -18.18 -52.35
N VAL C 202 -15.61 -17.44 -51.32
CA VAL C 202 -16.49 -16.50 -50.61
C VAL C 202 -15.80 -15.15 -50.50
N SER C 203 -16.59 -14.09 -50.40
CA SER C 203 -16.10 -12.74 -50.21
C SER C 203 -16.39 -12.28 -48.79
N ILE C 204 -15.51 -11.43 -48.26
CA ILE C 204 -15.63 -10.93 -46.89
C ILE C 204 -15.21 -9.47 -46.86
N THR C 205 -16.00 -8.64 -46.18
CA THR C 205 -15.70 -7.22 -46.03
C THR C 205 -16.08 -6.78 -44.62
N SER C 206 -15.58 -5.62 -44.22
CA SER C 206 -15.88 -5.10 -42.90
C SER C 206 -15.78 -3.58 -42.93
N PRO C 207 -16.46 -2.89 -42.01
CA PRO C 207 -16.47 -1.43 -42.04
C PRO C 207 -15.31 -0.79 -41.29
N GLU C 208 -14.88 -1.40 -40.18
CA GLU C 208 -13.75 -0.85 -39.45
C GLU C 208 -12.44 -1.13 -40.17
N LYS C 209 -11.41 -0.36 -39.80
CA LYS C 209 -10.16 -0.39 -40.57
C LYS C 209 -9.54 -1.77 -40.57
N ILE C 210 -9.55 -2.45 -39.44
CA ILE C 210 -8.90 -3.74 -39.30
C ILE C 210 -9.92 -4.77 -38.82
N MET C 211 -9.81 -5.99 -39.35
CA MET C 211 -10.68 -7.08 -38.99
C MET C 211 -9.97 -8.37 -39.36
N GLY C 212 -10.42 -9.48 -38.78
CA GLY C 212 -9.81 -10.76 -39.02
C GLY C 212 -10.84 -11.87 -39.14
N TYR C 213 -10.38 -13.00 -39.67
CA TYR C 213 -11.20 -14.18 -39.87
C TYR C 213 -10.34 -15.41 -39.69
N LEU C 214 -10.99 -16.55 -39.44
CA LEU C 214 -10.27 -17.79 -39.18
C LEU C 214 -11.15 -19.00 -39.45
N ILE C 215 -10.62 -19.96 -40.20
CA ILE C 215 -11.29 -21.25 -40.37
C ILE C 215 -10.89 -22.14 -39.19
N LYS C 216 -11.90 -22.56 -38.40
CA LYS C 216 -11.64 -23.23 -37.13
C LYS C 216 -12.58 -24.41 -36.97
N LYS C 217 -12.02 -25.61 -36.90
CA LYS C 217 -12.80 -26.75 -36.43
C LYS C 217 -13.00 -26.63 -34.94
N PRO C 218 -14.24 -26.69 -34.43
CA PRO C 218 -14.45 -26.52 -32.98
C PRO C 218 -13.58 -27.45 -32.17
N GLY C 219 -12.73 -26.88 -31.30
CA GLY C 219 -11.92 -27.68 -30.40
C GLY C 219 -10.55 -28.05 -30.90
N GLU C 220 -10.19 -27.68 -32.14
CA GLU C 220 -8.85 -27.92 -32.64
C GLU C 220 -7.87 -27.06 -31.84
N ASN C 221 -6.58 -27.19 -32.13
CA ASN C 221 -5.54 -26.39 -31.52
C ASN C 221 -4.73 -25.64 -32.58
N VAL C 222 -5.42 -25.18 -33.62
CA VAL C 222 -4.76 -24.50 -34.72
C VAL C 222 -5.21 -23.04 -34.75
N GLU C 223 -5.61 -22.52 -33.60
CA GLU C 223 -6.09 -21.15 -33.51
C GLU C 223 -4.99 -20.12 -33.65
N HIS C 224 -3.76 -20.53 -33.97
CA HIS C 224 -2.65 -19.58 -33.91
C HIS C 224 -2.63 -18.66 -35.12
N LYS C 225 -2.87 -19.21 -36.31
CA LYS C 225 -2.86 -18.41 -37.53
C LYS C 225 -4.20 -17.69 -37.68
N VAL C 226 -4.18 -16.37 -37.67
CA VAL C 226 -5.38 -15.54 -37.80
C VAL C 226 -5.10 -14.50 -38.87
N ILE C 227 -5.80 -14.60 -40.00
CA ILE C 227 -5.62 -13.67 -41.11
C ILE C 227 -6.36 -12.38 -40.80
N SER C 228 -5.68 -11.25 -40.94
CA SER C 228 -6.25 -9.93 -40.67
C SER C 228 -6.73 -9.33 -41.99
N PHE C 229 -8.03 -9.47 -42.29
CA PHE C 229 -8.58 -8.99 -43.55
C PHE C 229 -9.05 -7.53 -43.41
N SER C 230 -8.08 -6.68 -43.08
CA SER C 230 -8.35 -5.24 -43.04
C SER C 230 -8.85 -4.74 -44.39
N GLY C 231 -8.41 -5.37 -45.49
CA GLY C 231 -8.91 -5.06 -46.80
C GLY C 231 -9.95 -6.06 -47.26
N SER C 232 -10.65 -5.71 -48.34
CA SER C 232 -11.64 -6.61 -48.91
C SER C 232 -10.99 -7.96 -49.20
N ALA C 233 -11.63 -9.03 -48.73
CA ALA C 233 -11.02 -10.35 -48.74
C ALA C 233 -11.80 -11.34 -49.60
N SER C 234 -11.08 -12.25 -50.24
CA SER C 234 -11.64 -13.42 -50.87
C SER C 234 -11.01 -14.67 -50.26
N ILE C 235 -11.66 -15.81 -50.44
CA ILE C 235 -11.22 -17.05 -49.81
C ILE C 235 -11.56 -18.24 -50.70
N THR C 236 -10.56 -19.06 -50.99
CA THR C 236 -10.75 -20.35 -51.63
C THR C 236 -10.62 -21.44 -50.58
N PHE C 237 -11.61 -22.32 -50.51
CA PHE C 237 -11.66 -23.29 -49.43
C PHE C 237 -10.75 -24.47 -49.75
N THR C 238 -10.78 -25.48 -48.88
CA THR C 238 -10.03 -26.70 -49.04
C THR C 238 -10.97 -27.88 -48.97
N GLU C 239 -10.72 -28.90 -49.79
CA GLU C 239 -11.61 -30.04 -49.84
C GLU C 239 -11.67 -30.77 -48.50
N GLU C 240 -10.51 -30.98 -47.87
CA GLU C 240 -10.51 -31.55 -46.52
C GLU C 240 -11.17 -30.60 -45.53
N MET C 241 -10.98 -29.28 -45.73
CA MET C 241 -11.64 -28.27 -44.91
C MET C 241 -13.04 -28.00 -45.45
N LEU C 242 -13.84 -29.07 -45.51
CA LEU C 242 -15.26 -28.97 -45.81
C LEU C 242 -16.12 -29.66 -44.75
N ASP C 243 -15.50 -30.31 -43.77
CA ASP C 243 -16.27 -30.93 -42.69
C ASP C 243 -17.26 -29.93 -42.12
N GLY C 244 -18.53 -30.30 -42.09
CA GLY C 244 -19.55 -29.41 -41.55
C GLY C 244 -19.19 -28.84 -40.20
N GLU C 245 -18.36 -29.55 -39.43
CA GLU C 245 -17.96 -29.08 -38.11
C GLU C 245 -17.24 -27.74 -38.19
N HIS C 246 -16.19 -27.67 -39.02
CA HIS C 246 -15.41 -26.45 -39.14
C HIS C 246 -16.30 -25.30 -39.65
N ASN C 247 -16.05 -24.10 -39.12
CA ASN C 247 -16.87 -22.94 -39.44
C ASN C 247 -15.97 -21.74 -39.69
N LEU C 248 -16.46 -20.82 -40.52
CA LEU C 248 -15.73 -19.58 -40.82
C LEU C 248 -16.06 -18.54 -39.76
N LEU C 249 -15.04 -18.10 -39.03
CA LEU C 249 -15.20 -17.10 -37.97
C LEU C 249 -14.80 -15.73 -38.49
N CYS C 250 -15.74 -14.78 -38.44
CA CYS C 250 -15.47 -13.39 -38.79
C CYS C 250 -16.22 -12.47 -37.83
N GLY C 251 -15.51 -11.53 -37.22
CA GLY C 251 -16.13 -10.59 -36.29
C GLY C 251 -17.03 -11.32 -35.31
N ASP C 252 -18.26 -10.82 -35.18
CA ASP C 252 -19.27 -11.44 -34.34
C ASP C 252 -20.12 -12.46 -35.09
N LYS C 253 -19.78 -12.76 -36.34
CA LYS C 253 -20.56 -13.68 -37.16
C LYS C 253 -19.82 -15.01 -37.29
N SER C 254 -20.55 -16.11 -37.13
CA SER C 254 -20.02 -17.45 -37.32
C SER C 254 -20.92 -18.20 -38.29
N ALA C 255 -20.32 -18.85 -39.28
CA ALA C 255 -21.06 -19.55 -40.31
C ALA C 255 -20.43 -20.91 -40.56
N LYS C 256 -21.28 -21.93 -40.71
CA LYS C 256 -20.81 -23.27 -41.05
C LYS C 256 -20.49 -23.31 -42.54
N ILE C 257 -19.34 -23.91 -42.87
CA ILE C 257 -18.89 -24.00 -44.27
C ILE C 257 -19.41 -25.31 -44.85
N PRO C 258 -20.00 -25.27 -46.05
CA PRO C 258 -20.76 -26.44 -46.54
C PRO C 258 -19.87 -27.65 -46.78
N LYS C 259 -20.52 -28.81 -46.75
CA LYS C 259 -19.85 -30.10 -46.97
C LYS C 259 -20.10 -30.55 -48.40
N THR C 260 -19.44 -29.87 -49.32
CA THR C 260 -19.62 -30.12 -50.76
C THR C 260 -19.16 -31.51 -51.15
#